data_5XVW
#
_entry.id   5XVW
#
_cell.length_a   43.569
_cell.length_b   52.618
_cell.length_c   72.138
_cell.angle_alpha   102.66
_cell.angle_beta   97.82
_cell.angle_gamma   109.04
#
_symmetry.space_group_name_H-M   'P 1'
#
loop_
_entity.id
_entity.type
_entity.pdbx_description
1 polymer 'PHD finger protein ALFIN-LIKE 2'
2 polymer 'AtRing1a distal binding site'
3 water water
#
loop_
_entity_poly.entity_id
_entity_poly.type
_entity_poly.pdbx_seq_one_letter_code
_entity_poly.pdbx_strand_id
1 'polypeptide(L)'
;GSPRTVEEIFKDYSARRAALLRALTKDVDDFYSQCDPEKENLCLYGHPNESWEVNLPAEEVPPELPEPALGINFARDGMQ
RKDWLSLVAVHSDCWLLSVSFYFGARLNRNERKRLFSLINDLPTLFDVVTGRKAM
;
A,B,C,E
2 'polypeptide(L)' ILAWGRGGTRSNTR D,F
#
# COMPACT_ATOMS: atom_id res chain seq x y z
N SER A 2 0.99 -0.68 36.82
CA SER A 2 1.77 -0.84 35.60
C SER A 2 3.14 -0.20 35.74
N PRO A 3 4.15 -0.76 35.06
CA PRO A 3 5.47 -0.12 35.04
C PRO A 3 5.36 1.32 34.57
N ARG A 4 6.07 2.23 35.30
CA ARG A 4 6.01 3.65 34.99
C ARG A 4 7.38 4.31 34.82
N THR A 5 8.38 3.93 35.59
CA THR A 5 9.70 4.50 35.43
C THR A 5 10.48 3.75 34.36
N VAL A 6 11.53 4.39 33.85
CA VAL A 6 12.41 3.71 32.91
C VAL A 6 12.93 2.41 33.51
N GLU A 7 13.28 2.40 34.82
CA GLU A 7 13.75 1.15 35.43
C GLU A 7 12.66 0.09 35.45
N GLU A 8 11.42 0.49 35.77
CA GLU A 8 10.35 -0.51 35.87
C GLU A 8 9.99 -1.04 34.49
N ILE A 9 9.97 -0.15 33.50
CA ILE A 9 9.59 -0.56 32.15
C ILE A 9 10.64 -1.49 31.57
N PHE A 10 11.92 -1.15 31.77
CA PHE A 10 12.99 -1.98 31.24
C PHE A 10 13.09 -3.33 31.94
N LYS A 11 12.77 -3.41 33.24
CA LYS A 11 12.78 -4.72 33.88
C LYS A 11 11.64 -5.58 33.36
N ASP A 12 10.48 -4.96 33.13
CA ASP A 12 9.35 -5.65 32.51
C ASP A 12 9.71 -6.14 31.10
N TYR A 13 10.36 -5.28 30.32
CA TYR A 13 10.83 -5.65 28.98
C TYR A 13 11.77 -6.83 29.03
N SER A 14 12.76 -6.76 29.92
CA SER A 14 13.80 -7.78 29.96
C SER A 14 13.21 -9.14 30.31
N ALA A 15 12.19 -9.14 31.17
CA ALA A 15 11.56 -10.37 31.63
C ALA A 15 10.73 -11.00 30.52
N ARG A 16 9.91 -10.20 29.84
CA ARG A 16 9.19 -10.71 28.69
C ARG A 16 10.17 -11.22 27.64
N ARG A 17 11.24 -10.48 27.38
CA ARG A 17 12.19 -10.90 26.36
C ARG A 17 12.85 -12.22 26.74
N ALA A 18 13.15 -12.40 28.02
CA ALA A 18 13.79 -13.64 28.45
C ALA A 18 12.87 -14.82 28.19
N ALA A 19 11.56 -14.62 28.39
CA ALA A 19 10.59 -15.68 28.14
C ALA A 19 10.54 -16.01 26.65
N LEU A 20 10.44 -14.99 25.81
CA LEU A 20 10.40 -15.21 24.36
C LEU A 20 11.71 -15.81 23.84
N LEU A 21 12.87 -15.37 24.36
CA LEU A 21 14.12 -15.99 23.96
C LEU A 21 14.14 -17.48 24.25
N ARG A 22 13.67 -17.87 25.44
CA ARG A 22 13.56 -19.29 25.77
C ARG A 22 12.63 -20.00 24.78
N ALA A 23 11.48 -19.38 24.46
CA ALA A 23 10.54 -20.04 23.54
C ALA A 23 11.18 -20.31 22.18
N LEU A 24 12.05 -19.41 21.72
CA LEU A 24 12.59 -19.54 20.38
C LEU A 24 13.92 -20.27 20.32
N THR A 25 14.49 -20.63 21.46
CA THR A 25 15.76 -21.35 21.48
C THR A 25 15.62 -22.63 22.29
N LYS A 26 15.81 -22.56 23.61
CA LYS A 26 15.78 -23.76 24.44
C LYS A 26 14.52 -24.59 24.25
N ASP A 27 13.36 -23.95 24.19
CA ASP A 27 12.07 -24.64 24.12
C ASP A 27 11.48 -24.61 22.71
N VAL A 28 12.30 -24.38 21.70
CA VAL A 28 11.79 -24.16 20.34
C VAL A 28 10.97 -25.34 19.83
N ASP A 29 11.32 -26.58 20.21
CA ASP A 29 10.54 -27.73 19.75
C ASP A 29 9.14 -27.70 20.33
N ASP A 30 9.00 -27.30 21.60
CA ASP A 30 7.69 -27.17 22.23
C ASP A 30 6.89 -26.07 21.57
N PHE A 31 7.51 -24.92 21.32
CA PHE A 31 6.83 -23.79 20.69
C PHE A 31 6.39 -24.15 19.28
N TYR A 32 7.29 -24.78 18.53
CA TYR A 32 6.96 -25.16 17.15
C TYR A 32 5.76 -26.11 17.12
N SER A 33 5.79 -27.13 17.98
CA SER A 33 4.71 -28.14 18.04
C SER A 33 3.39 -27.52 18.47
N GLN A 34 3.41 -26.50 19.33
CA GLN A 34 2.16 -25.90 19.79
C GLN A 34 1.49 -25.05 18.72
N CYS A 35 2.25 -24.57 17.74
CA CYS A 35 1.74 -23.69 16.68
C CYS A 35 1.17 -24.52 15.52
N ASP A 36 0.19 -25.34 15.84
CA ASP A 36 -0.42 -26.24 14.88
C ASP A 36 -1.30 -25.47 13.90
N PRO A 37 -1.03 -25.52 12.60
CA PRO A 37 -1.81 -24.69 11.66
C PRO A 37 -3.30 -25.02 11.62
N GLU A 38 -3.71 -26.19 12.14
CA GLU A 38 -5.12 -26.53 12.18
C GLU A 38 -5.90 -25.69 13.20
N LYS A 39 -5.26 -25.29 14.29
CA LYS A 39 -5.98 -24.66 15.38
C LYS A 39 -6.45 -23.27 14.98
N GLU A 40 -7.27 -22.68 15.84
CA GLU A 40 -7.64 -21.29 15.65
C GLU A 40 -6.39 -20.41 15.74
N ASN A 41 -6.57 -19.13 15.46
CA ASN A 41 -5.42 -18.22 15.41
C ASN A 41 -4.73 -18.14 16.78
N LEU A 42 -3.41 -18.33 16.80
CA LEU A 42 -2.62 -18.37 18.03
C LEU A 42 -1.52 -17.32 17.96
N CYS A 43 -1.05 -16.91 19.14
CA CYS A 43 -0.01 -15.91 19.24
C CYS A 43 0.97 -16.34 20.32
N LEU A 44 2.16 -15.76 20.26
CA LEU A 44 3.23 -16.01 21.21
C LEU A 44 3.31 -14.82 22.15
N TYR A 45 3.06 -15.07 23.43
CA TYR A 45 3.07 -14.07 24.50
C TYR A 45 4.27 -14.32 25.40
N GLY A 46 4.91 -13.24 25.82
CA GLY A 46 5.90 -13.29 26.89
C GLY A 46 5.43 -12.40 28.02
N HIS A 47 5.59 -12.87 29.23
CA HIS A 47 5.02 -12.23 30.40
C HIS A 47 6.12 -11.81 31.35
N PRO A 48 5.87 -10.81 32.20
CA PRO A 48 6.92 -10.32 33.09
C PRO A 48 7.30 -11.26 34.23
N ASN A 49 6.62 -12.42 34.38
CA ASN A 49 7.11 -13.47 35.27
C ASN A 49 8.06 -14.42 34.54
N GLU A 50 8.49 -14.04 33.33
CA GLU A 50 9.41 -14.78 32.47
C GLU A 50 8.80 -16.10 31.97
N SER A 51 7.48 -16.18 31.90
CA SER A 51 6.79 -17.30 31.28
C SER A 51 6.42 -16.92 29.85
N TRP A 52 6.44 -17.93 28.98
CA TRP A 52 5.95 -17.75 27.60
C TRP A 52 4.80 -18.72 27.36
N GLU A 53 3.88 -18.34 26.47
CA GLU A 53 2.77 -19.23 26.14
C GLU A 53 2.35 -18.98 24.70
N VAL A 54 1.73 -19.98 24.11
CA VAL A 54 1.05 -19.87 22.82
C VAL A 54 -0.43 -19.96 23.12
N ASN A 55 -1.21 -18.94 22.74
CA ASN A 55 -2.58 -18.83 23.18
C ASN A 55 -3.42 -18.09 22.14
N LEU A 56 -4.73 -18.27 22.25
CA LEU A 56 -5.67 -17.38 21.58
C LEU A 56 -5.44 -15.94 22.01
N PRO A 57 -5.80 -14.96 21.18
CA PRO A 57 -5.81 -13.57 21.65
C PRO A 57 -7.00 -13.35 22.58
N ALA A 58 -6.96 -12.23 23.29
CA ALA A 58 -8.02 -11.93 24.24
C ALA A 58 -9.34 -11.73 23.51
N GLU A 59 -10.43 -12.22 24.11
CA GLU A 59 -11.73 -12.18 23.45
C GLU A 59 -12.30 -10.77 23.37
N GLU A 60 -12.09 -9.96 24.40
CA GLU A 60 -12.65 -8.62 24.42
C GLU A 60 -11.62 -7.64 23.87
N VAL A 61 -12.10 -6.75 23.01
CA VAL A 61 -11.26 -5.76 22.34
C VAL A 61 -11.93 -4.41 22.55
N PRO A 62 -11.20 -3.28 22.53
CA PRO A 62 -9.76 -3.22 22.30
C PRO A 62 -8.97 -3.71 23.53
N PRO A 63 -7.77 -4.20 23.29
CA PRO A 63 -6.97 -4.80 24.37
C PRO A 63 -6.31 -3.75 25.26
N GLU A 64 -6.02 -4.15 26.50
CA GLU A 64 -5.30 -3.23 27.37
C GLU A 64 -3.91 -2.97 26.83
N LEU A 65 -3.14 -4.05 26.54
CA LEU A 65 -1.79 -3.91 26.01
C LEU A 65 -1.79 -4.13 24.51
N PRO A 66 -0.78 -3.61 23.81
CA PRO A 66 -0.57 -4.04 22.43
C PRO A 66 -0.51 -5.57 22.35
N GLU A 67 -1.07 -6.12 21.26
CA GLU A 67 -1.16 -7.56 21.10
C GLU A 67 -0.09 -8.06 20.14
N PRO A 68 0.40 -9.31 20.34
CA PRO A 68 1.41 -9.87 19.44
C PRO A 68 0.80 -10.26 18.09
N ALA A 69 1.64 -10.70 17.16
CA ALA A 69 1.17 -11.06 15.83
C ALA A 69 0.18 -12.21 15.93
N LEU A 70 -0.94 -12.09 15.22
CA LEU A 70 -2.03 -13.04 15.31
C LEU A 70 -1.91 -14.13 14.26
N GLY A 71 -2.13 -15.37 14.67
CA GLY A 71 -2.23 -16.44 13.68
C GLY A 71 -0.90 -16.90 13.13
N ILE A 72 0.18 -16.80 13.91
CA ILE A 72 1.49 -17.26 13.44
C ILE A 72 1.45 -18.75 13.10
N ASN A 73 0.59 -19.53 13.76
CA ASN A 73 0.53 -20.95 13.42
C ASN A 73 0.04 -21.17 11.99
N PHE A 74 -0.77 -20.25 11.46
CA PHE A 74 -1.31 -20.48 10.11
C PHE A 74 -0.20 -20.57 9.06
N ALA A 75 0.94 -19.94 9.31
CA ALA A 75 2.03 -19.85 8.34
C ALA A 75 3.07 -20.94 8.51
N ARG A 76 2.98 -21.76 9.57
CA ARG A 76 4.11 -22.60 9.99
C ARG A 76 4.56 -23.57 8.91
N ASP A 77 3.62 -24.24 8.25
CA ASP A 77 4.07 -25.31 7.38
C ASP A 77 4.30 -24.85 5.94
N GLY A 78 3.96 -23.61 5.62
CA GLY A 78 4.12 -23.04 4.29
C GLY A 78 5.46 -22.38 4.03
N MET A 79 6.44 -22.56 4.92
CA MET A 79 7.75 -21.97 4.71
C MET A 79 8.78 -22.81 5.45
N GLN A 80 10.05 -22.53 5.15
CA GLN A 80 11.13 -23.18 5.87
C GLN A 80 11.02 -22.84 7.36
N ARG A 81 11.36 -23.80 8.21
CA ARG A 81 11.23 -23.61 9.65
C ARG A 81 12.10 -22.44 10.12
N LYS A 82 13.32 -22.34 9.63
CA LYS A 82 14.18 -21.23 10.06
C LYS A 82 13.61 -19.88 9.64
N ASP A 83 12.88 -19.84 8.53
CA ASP A 83 12.28 -18.57 8.10
C ASP A 83 11.03 -18.25 8.89
N TRP A 84 10.23 -19.28 9.21
CA TRP A 84 9.08 -19.07 10.09
C TRP A 84 9.54 -18.56 11.45
N LEU A 85 10.60 -19.15 12.01
CA LEU A 85 11.09 -18.72 13.32
C LEU A 85 11.64 -17.29 13.26
N SER A 86 12.33 -16.94 12.17
CA SER A 86 12.80 -15.57 11.99
C SER A 86 11.64 -14.58 11.95
N LEU A 87 10.56 -14.93 11.24
CA LEU A 87 9.40 -14.04 11.18
C LEU A 87 8.74 -13.90 12.55
N VAL A 88 8.55 -15.01 13.25
CA VAL A 88 8.04 -14.92 14.62
C VAL A 88 8.97 -14.04 15.45
N ALA A 89 10.27 -14.21 15.28
CA ALA A 89 11.23 -13.42 16.07
C ALA A 89 11.10 -11.92 15.80
N VAL A 90 11.02 -11.51 14.53
CA VAL A 90 10.87 -10.07 14.21
C VAL A 90 9.59 -9.52 14.82
N HIS A 91 8.47 -10.23 14.63
CA HIS A 91 7.21 -9.72 15.16
C HIS A 91 7.24 -9.68 16.68
N SER A 92 8.01 -10.58 17.30
CA SER A 92 8.09 -10.62 18.76
C SER A 92 8.97 -9.50 19.27
N ASP A 93 10.04 -9.17 18.53
CA ASP A 93 10.85 -7.98 18.84
C ASP A 93 9.99 -6.72 18.79
N CYS A 94 9.17 -6.60 17.74
CA CYS A 94 8.32 -5.43 17.57
C CYS A 94 7.29 -5.34 18.69
N TRP A 95 6.70 -6.47 19.05
CA TRP A 95 5.72 -6.48 20.12
C TRP A 95 6.35 -6.02 21.44
N LEU A 96 7.56 -6.52 21.75
CA LEU A 96 8.20 -6.15 22.99
C LEU A 96 8.45 -4.65 23.04
N LEU A 97 8.90 -4.08 21.92
CA LEU A 97 9.13 -2.65 21.84
C LEU A 97 7.82 -1.88 22.00
N SER A 98 6.75 -2.40 21.39
CA SER A 98 5.44 -1.76 21.48
C SER A 98 4.93 -1.72 22.93
N VAL A 99 5.01 -2.85 23.62
CA VAL A 99 4.56 -2.91 25.03
C VAL A 99 5.32 -1.89 25.87
N SER A 100 6.65 -1.86 25.74
CA SER A 100 7.45 -0.95 26.55
C SER A 100 7.09 0.50 26.28
N PHE A 101 6.85 0.87 25.03
CA PHE A 101 6.56 2.26 24.79
C PHE A 101 5.09 2.60 24.96
N TYR A 102 4.24 1.59 25.14
CA TYR A 102 2.90 1.79 25.68
C TYR A 102 2.96 2.18 27.16
N PHE A 103 3.71 1.42 27.95
CA PHE A 103 3.94 1.78 29.36
C PHE A 103 4.64 3.11 29.46
N GLY A 104 5.49 3.41 28.50
CA GLY A 104 6.30 4.63 28.51
C GLY A 104 5.69 5.83 27.81
N ALA A 105 4.38 5.80 27.56
CA ALA A 105 3.72 6.91 26.87
C ALA A 105 3.99 8.25 27.55
N ARG A 106 4.05 8.25 28.90
CA ARG A 106 4.21 9.48 29.65
C ARG A 106 5.65 9.92 29.81
N LEU A 107 6.62 9.13 29.36
CA LEU A 107 8.01 9.53 29.43
C LEU A 107 8.29 10.69 28.50
N ASN A 108 9.22 11.56 28.90
CA ASN A 108 9.64 12.64 28.01
C ASN A 108 10.66 12.14 26.99
N ARG A 109 11.07 13.06 26.09
CA ARG A 109 11.94 12.70 24.97
C ARG A 109 13.24 12.07 25.44
N ASN A 110 13.86 12.67 26.47
CA ASN A 110 15.14 12.15 26.94
C ASN A 110 14.96 10.80 27.63
N GLU A 111 13.87 10.63 28.36
CA GLU A 111 13.61 9.34 28.99
C GLU A 111 13.32 8.26 27.95
N ARG A 112 12.64 8.61 26.87
CA ARG A 112 12.40 7.64 25.81
C ARG A 112 13.72 7.23 25.17
N LYS A 113 14.62 8.20 24.98
CA LYS A 113 15.93 7.87 24.42
C LYS A 113 16.71 6.93 25.32
N ARG A 114 16.65 7.17 26.64
CA ARG A 114 17.33 6.29 27.60
C ARG A 114 16.74 4.90 27.59
N LEU A 115 15.41 4.80 27.59
CA LEU A 115 14.76 3.50 27.54
C LEU A 115 15.18 2.71 26.30
N PHE A 116 15.15 3.35 25.14
CA PHE A 116 15.56 2.62 23.93
C PHE A 116 17.02 2.18 24.02
N SER A 117 17.91 3.06 24.53
CA SER A 117 19.31 2.69 24.63
C SER A 117 19.52 1.45 25.48
N LEU A 118 18.76 1.31 26.57
CA LEU A 118 18.86 0.10 27.39
C LEU A 118 18.38 -1.12 26.61
N ILE A 119 17.26 -0.98 25.91
CA ILE A 119 16.72 -2.06 25.09
C ILE A 119 17.69 -2.41 23.96
N ASN A 120 18.30 -1.40 23.36
CA ASN A 120 19.16 -1.58 22.20
C ASN A 120 20.47 -2.23 22.57
N ASP A 121 20.79 -2.31 23.86
CA ASP A 121 22.01 -2.99 24.31
C ASP A 121 21.81 -4.49 24.42
N LEU A 122 20.60 -4.99 24.22
CA LEU A 122 20.26 -6.42 24.20
C LEU A 122 20.14 -6.89 22.77
N PRO A 123 20.78 -8.00 22.39
CA PRO A 123 20.60 -8.49 21.03
C PRO A 123 19.14 -8.81 20.77
N THR A 124 18.70 -8.58 19.53
CA THR A 124 17.29 -8.81 19.23
C THR A 124 17.00 -10.30 19.10
N LEU A 125 15.74 -10.67 19.29
CA LEU A 125 15.36 -12.06 19.07
C LEU A 125 15.67 -12.47 17.63
N PHE A 126 15.41 -11.58 16.69
CA PHE A 126 15.70 -11.87 15.28
C PHE A 126 17.19 -12.20 15.08
N ASP A 127 18.06 -11.38 15.66
CA ASP A 127 19.49 -11.63 15.50
C ASP A 127 19.91 -12.95 16.14
N VAL A 128 19.41 -13.25 17.35
CA VAL A 128 19.74 -14.52 17.98
C VAL A 128 19.24 -15.68 17.12
N VAL A 129 17.99 -15.60 16.65
CA VAL A 129 17.43 -16.72 15.89
C VAL A 129 18.13 -16.89 14.54
N THR A 130 18.43 -15.78 13.84
CA THR A 130 19.11 -15.86 12.55
C THR A 130 20.62 -16.02 12.66
N GLY A 131 21.18 -15.89 13.86
CA GLY A 131 22.62 -16.02 14.02
C GLY A 131 23.43 -14.78 13.73
N ARG A 132 22.78 -13.61 13.65
CA ARG A 132 23.50 -12.35 13.43
C ARG A 132 24.16 -11.87 14.71
N LYS A 133 25.26 -11.15 14.56
CA LYS A 133 25.92 -10.55 15.72
C LYS A 133 26.24 -9.08 15.47
N SER B 2 9.97 -2.36 0.18
CA SER B 2 9.86 -1.91 1.56
C SER B 2 11.02 -1.00 1.91
N PRO B 3 10.80 -0.07 2.83
CA PRO B 3 11.90 0.74 3.35
C PRO B 3 12.98 -0.12 4.02
N ARG B 4 14.25 0.23 3.77
CA ARG B 4 15.36 -0.55 4.31
C ARG B 4 16.40 0.29 5.02
N THR B 5 16.77 1.43 4.44
CA THR B 5 17.74 2.27 5.12
C THR B 5 17.08 3.08 6.22
N VAL B 6 17.92 3.66 7.09
CA VAL B 6 17.44 4.54 8.15
C VAL B 6 16.58 5.67 7.58
N GLU B 7 17.05 6.32 6.50
CA GLU B 7 16.26 7.43 5.94
C GLU B 7 14.96 6.96 5.31
N GLU B 8 15.00 5.84 4.58
CA GLU B 8 13.78 5.30 3.99
C GLU B 8 12.75 4.97 5.07
N ILE B 9 13.21 4.38 6.17
CA ILE B 9 12.29 3.97 7.22
C ILE B 9 11.72 5.19 7.91
N PHE B 10 12.55 6.21 8.15
CA PHE B 10 12.03 7.43 8.76
C PHE B 10 11.07 8.19 7.84
N LYS B 11 11.33 8.18 6.52
CA LYS B 11 10.38 8.80 5.61
C LYS B 11 9.01 8.15 5.70
N ASP B 12 9.00 6.82 5.72
CA ASP B 12 7.76 6.05 5.89
C ASP B 12 7.08 6.34 7.23
N TYR B 13 7.86 6.29 8.32
CA TYR B 13 7.36 6.66 9.65
C TYR B 13 6.74 8.04 9.66
N SER B 14 7.46 9.05 9.13
CA SER B 14 6.97 10.41 9.16
C SER B 14 5.64 10.56 8.43
N ALA B 15 5.50 9.89 7.27
CA ALA B 15 4.27 10.02 6.50
C ALA B 15 3.09 9.34 7.20
N ARG B 16 3.33 8.13 7.73
CA ARG B 16 2.28 7.44 8.49
C ARG B 16 1.87 8.23 9.73
N ARG B 17 2.85 8.86 10.39
CA ARG B 17 2.54 9.65 11.57
C ARG B 17 1.71 10.88 11.19
N ALA B 18 2.05 11.52 10.05
CA ALA B 18 1.29 12.68 9.63
C ALA B 18 -0.17 12.33 9.36
N ALA B 19 -0.40 11.20 8.71
CA ALA B 19 -1.75 10.67 8.53
C ALA B 19 -2.48 10.53 9.87
N LEU B 20 -1.88 9.81 10.80
CA LEU B 20 -2.53 9.57 12.09
C LEU B 20 -2.76 10.87 12.86
N LEU B 21 -1.78 11.78 12.83
CA LEU B 21 -1.97 13.05 13.50
C LEU B 21 -3.17 13.79 12.92
N ARG B 22 -3.34 13.75 11.58
CA ARG B 22 -4.48 14.43 10.98
C ARG B 22 -5.78 13.77 11.40
N ALA B 23 -5.80 12.44 11.51
CA ALA B 23 -7.00 11.74 11.93
C ALA B 23 -7.40 12.13 13.34
N LEU B 24 -6.42 12.44 14.18
CA LEU B 24 -6.68 12.69 15.60
C LEU B 24 -6.83 14.17 15.90
N THR B 25 -6.61 15.04 14.92
CA THR B 25 -6.74 16.47 15.15
C THR B 25 -7.65 17.11 14.11
N LYS B 26 -7.11 17.43 12.92
CA LYS B 26 -7.88 18.18 11.92
C LYS B 26 -9.12 17.41 11.47
N ASP B 27 -8.99 16.10 11.27
CA ASP B 27 -10.08 15.28 10.76
C ASP B 27 -10.80 14.50 11.87
N VAL B 28 -10.69 14.94 13.12
CA VAL B 28 -11.11 14.07 14.23
C VAL B 28 -12.61 13.76 14.21
N ASP B 29 -13.45 14.71 13.77
CA ASP B 29 -14.89 14.41 13.77
C ASP B 29 -15.22 13.34 12.74
N ASP B 30 -14.58 13.41 11.57
CA ASP B 30 -14.73 12.38 10.55
C ASP B 30 -14.23 11.04 11.09
N PHE B 31 -13.05 11.06 11.69
CA PHE B 31 -12.47 9.84 12.25
C PHE B 31 -13.36 9.25 13.34
N TYR B 32 -13.78 10.09 14.28
CA TYR B 32 -14.66 9.68 15.37
C TYR B 32 -15.91 8.98 14.83
N SER B 33 -16.53 9.59 13.82
CA SER B 33 -17.80 9.09 13.28
C SER B 33 -17.61 7.77 12.55
N GLN B 34 -16.47 7.58 11.88
CA GLN B 34 -16.17 6.32 11.23
C GLN B 34 -15.97 5.17 12.22
N CYS B 35 -15.54 5.46 13.46
CA CYS B 35 -15.35 4.44 14.49
C CYS B 35 -16.69 4.11 15.15
N ASP B 36 -17.57 3.56 14.33
CA ASP B 36 -18.94 3.25 14.70
C ASP B 36 -18.97 2.01 15.59
N PRO B 37 -19.38 2.13 16.85
CA PRO B 37 -19.48 0.94 17.72
C PRO B 37 -20.38 -0.15 17.17
N GLU B 38 -21.26 0.17 16.22
CA GLU B 38 -22.19 -0.79 15.65
C GLU B 38 -21.56 -1.70 14.62
N LYS B 39 -20.45 -1.29 13.99
CA LYS B 39 -19.80 -2.12 12.98
C LYS B 39 -18.97 -3.20 13.66
N GLU B 40 -18.35 -4.08 12.87
CA GLU B 40 -17.38 -5.02 13.40
C GLU B 40 -16.16 -4.27 13.92
N ASN B 41 -15.18 -5.01 14.46
CA ASN B 41 -14.03 -4.34 15.07
C ASN B 41 -13.24 -3.59 14.01
N LEU B 42 -12.87 -2.36 14.34
CA LEU B 42 -12.21 -1.45 13.43
C LEU B 42 -10.85 -1.05 13.99
N CYS B 43 -9.93 -0.73 13.08
CA CYS B 43 -8.62 -0.18 13.42
C CYS B 43 -8.37 1.11 12.66
N LEU B 44 -7.44 1.91 13.19
CA LEU B 44 -6.95 3.12 12.54
C LEU B 44 -5.57 2.86 11.96
N TYR B 45 -5.45 3.03 10.63
CA TYR B 45 -4.20 2.87 9.92
C TYR B 45 -3.66 4.21 9.46
N GLY B 46 -2.34 4.33 9.42
CA GLY B 46 -1.72 5.43 8.70
C GLY B 46 -0.88 4.88 7.56
N HIS B 47 -0.98 5.49 6.37
CA HIS B 47 -0.34 4.96 5.17
C HIS B 47 0.80 5.85 4.70
N PRO B 48 1.77 5.31 3.95
CA PRO B 48 2.95 6.12 3.55
C PRO B 48 2.64 7.26 2.58
N ASN B 49 1.43 7.33 2.04
CA ASN B 49 1.02 8.49 1.24
C ASN B 49 0.35 9.58 2.07
N GLU B 50 0.44 9.48 3.41
CA GLU B 50 -0.10 10.42 4.38
C GLU B 50 -1.61 10.39 4.50
N SER B 51 -2.27 9.36 3.99
CA SER B 51 -3.70 9.22 4.22
C SER B 51 -3.96 8.26 5.39
N TRP B 52 -5.03 8.55 6.12
CA TRP B 52 -5.45 7.66 7.19
C TRP B 52 -6.70 6.89 6.76
N GLU B 53 -6.94 5.77 7.43
CA GLU B 53 -8.03 4.86 7.04
C GLU B 53 -8.54 4.15 8.28
N VAL B 54 -9.86 4.10 8.43
CA VAL B 54 -10.51 3.25 9.42
C VAL B 54 -11.05 2.03 8.70
N ASN B 55 -10.67 0.84 9.14
CA ASN B 55 -11.07 -0.36 8.41
C ASN B 55 -11.02 -1.59 9.30
N LEU B 56 -11.60 -2.69 8.79
CA LEU B 56 -11.44 -3.99 9.39
C LEU B 56 -9.96 -4.39 9.38
N PRO B 57 -9.55 -5.25 10.31
CA PRO B 57 -8.17 -5.76 10.25
C PRO B 57 -7.91 -6.47 8.94
N ALA B 58 -6.62 -6.66 8.65
CA ALA B 58 -6.18 -7.20 7.36
C ALA B 58 -6.71 -8.60 7.10
N GLU B 59 -7.03 -8.86 5.83
CA GLU B 59 -7.46 -10.19 5.39
C GLU B 59 -6.43 -11.27 5.69
N GLU B 60 -5.17 -11.00 5.40
CA GLU B 60 -4.15 -12.03 5.49
C GLU B 60 -3.68 -12.21 6.93
N VAL B 61 -3.65 -13.47 7.38
CA VAL B 61 -3.29 -13.79 8.74
C VAL B 61 -2.23 -14.89 8.70
N PRO B 62 -1.02 -14.66 9.19
CA PRO B 62 -0.56 -13.46 9.90
C PRO B 62 -0.27 -12.31 8.94
N PRO B 63 -0.40 -11.08 9.42
CA PRO B 63 -0.24 -9.92 8.52
C PRO B 63 1.21 -9.72 8.12
N GLU B 64 1.44 -9.15 6.95
CA GLU B 64 2.82 -8.80 6.63
C GLU B 64 3.32 -7.74 7.60
N LEU B 65 2.56 -6.67 7.79
CA LEU B 65 3.00 -5.64 8.73
C LEU B 65 2.35 -5.85 10.09
N PRO B 66 3.01 -5.42 11.16
CA PRO B 66 2.33 -5.31 12.43
C PRO B 66 1.02 -4.57 12.26
N GLU B 67 0.01 -5.00 13.04
CA GLU B 67 -1.32 -4.45 12.88
C GLU B 67 -1.64 -3.50 14.03
N PRO B 68 -2.49 -2.53 13.78
CA PRO B 68 -2.89 -1.61 14.85
C PRO B 68 -3.92 -2.23 15.78
N ALA B 69 -4.16 -1.50 16.88
CA ALA B 69 -5.11 -1.96 17.88
C ALA B 69 -6.46 -2.23 17.25
N LEU B 70 -7.02 -3.39 17.59
CA LEU B 70 -8.27 -3.91 17.06
C LEU B 70 -9.47 -3.46 17.91
N GLY B 71 -10.53 -2.99 17.25
CA GLY B 71 -11.78 -2.72 17.95
C GLY B 71 -11.90 -1.42 18.71
N ILE B 72 -11.15 -0.38 18.31
CA ILE B 72 -11.20 0.87 19.04
C ILE B 72 -12.59 1.49 19.01
N ASN B 73 -13.40 1.14 18.01
CA ASN B 73 -14.77 1.62 17.95
C ASN B 73 -15.62 1.04 19.07
N PHE B 74 -15.21 -0.10 19.64
CA PHE B 74 -16.00 -0.70 20.71
C PHE B 74 -15.89 0.09 22.00
N ALA B 75 -14.84 0.88 22.17
CA ALA B 75 -14.66 1.63 23.41
C ALA B 75 -15.02 3.12 23.29
N ARG B 76 -15.44 3.57 22.10
CA ARG B 76 -15.55 4.99 21.84
C ARG B 76 -16.56 5.68 22.78
N ASP B 77 -17.71 5.07 22.99
CA ASP B 77 -18.80 5.73 23.67
C ASP B 77 -18.77 5.54 25.19
N GLY B 78 -17.87 4.69 25.70
CA GLY B 78 -17.88 4.40 27.12
C GLY B 78 -16.81 5.12 27.93
N MET B 79 -16.29 6.22 27.42
CA MET B 79 -15.28 6.97 28.17
C MET B 79 -15.28 8.42 27.68
N GLN B 80 -14.51 9.25 28.38
CA GLN B 80 -14.35 10.63 27.97
C GLN B 80 -13.69 10.68 26.59
N ARG B 81 -14.13 11.63 25.78
CA ARG B 81 -13.67 11.66 24.39
C ARG B 81 -12.17 11.94 24.33
N LYS B 82 -11.68 12.85 25.18
CA LYS B 82 -10.24 13.13 25.20
C LYS B 82 -9.45 11.91 25.65
N ASP B 83 -10.04 11.06 26.51
CA ASP B 83 -9.34 9.87 26.96
C ASP B 83 -9.31 8.80 25.88
N TRP B 84 -10.45 8.58 25.21
CA TRP B 84 -10.46 7.65 24.07
C TRP B 84 -9.45 8.10 23.02
N LEU B 85 -9.42 9.40 22.73
CA LEU B 85 -8.44 9.89 21.75
C LEU B 85 -7.02 9.69 22.26
N SER B 86 -6.79 9.92 23.55
CA SER B 86 -5.44 9.75 24.12
C SER B 86 -4.98 8.30 24.01
N LEU B 87 -5.88 7.35 24.23
CA LEU B 87 -5.50 5.94 24.15
C LEU B 87 -5.37 5.47 22.72
N VAL B 88 -6.22 5.98 21.81
CA VAL B 88 -5.98 5.75 20.39
C VAL B 88 -4.61 6.28 19.99
N ALA B 89 -4.24 7.45 20.52
CA ALA B 89 -2.95 8.02 20.17
C ALA B 89 -1.80 7.15 20.66
N VAL B 90 -1.87 6.64 21.91
CA VAL B 90 -0.74 5.86 22.41
C VAL B 90 -0.60 4.55 21.64
N HIS B 91 -1.72 3.84 21.42
CA HIS B 91 -1.68 2.64 20.61
C HIS B 91 -1.19 2.95 19.19
N SER B 92 -1.54 4.11 18.66
CA SER B 92 -1.08 4.47 17.31
C SER B 92 0.42 4.77 17.30
N ASP B 93 0.92 5.46 18.35
CA ASP B 93 2.36 5.65 18.52
C ASP B 93 3.11 4.32 18.56
N CYS B 94 2.56 3.36 19.30
CA CYS B 94 3.18 2.04 19.42
C CYS B 94 3.20 1.35 18.07
N TRP B 95 2.09 1.49 17.34
CA TRP B 95 2.01 0.84 16.03
C TRP B 95 3.04 1.41 15.07
N LEU B 96 3.20 2.74 15.08
CA LEU B 96 4.22 3.38 14.23
C LEU B 96 5.60 2.81 14.53
N LEU B 97 5.97 2.75 15.82
CA LEU B 97 7.25 2.22 16.23
C LEU B 97 7.41 0.76 15.81
N SER B 98 6.35 -0.04 15.97
CA SER B 98 6.41 -1.43 15.57
CA SER B 98 6.39 -1.44 15.56
C SER B 98 6.66 -1.54 14.07
N VAL B 99 5.92 -0.78 13.27
CA VAL B 99 6.11 -0.84 11.81
C VAL B 99 7.55 -0.49 11.43
N SER B 100 8.08 0.57 12.03
CA SER B 100 9.43 1.03 11.65
C SER B 100 10.49 0.00 12.00
N PHE B 101 10.41 -0.59 13.22
CA PHE B 101 11.42 -1.59 13.58
C PHE B 101 11.12 -2.97 13.02
N TYR B 102 9.93 -3.19 12.46
CA TYR B 102 9.72 -4.32 11.55
C TYR B 102 10.53 -4.14 10.27
N PHE B 103 10.40 -2.98 9.61
CA PHE B 103 11.22 -2.69 8.44
C PHE B 103 12.70 -2.67 8.82
N GLY B 104 13.01 -2.24 10.03
CA GLY B 104 14.39 -2.15 10.47
C GLY B 104 14.98 -3.39 11.10
N ALA B 105 14.33 -4.55 10.93
CA ALA B 105 14.80 -5.79 11.53
C ALA B 105 16.26 -6.08 11.17
N ARG B 106 16.68 -5.75 9.95
CA ARG B 106 18.02 -6.07 9.47
C ARG B 106 19.04 -4.99 9.79
N LEU B 107 18.62 -3.90 10.40
CA LEU B 107 19.57 -2.87 10.83
C LEU B 107 20.42 -3.37 11.99
N ASN B 108 21.66 -2.90 12.05
CA ASN B 108 22.48 -3.27 13.18
C ASN B 108 22.20 -2.34 14.35
N ARG B 109 22.92 -2.55 15.45
CA ARG B 109 22.63 -1.87 16.70
C ARG B 109 22.86 -0.35 16.58
N ASN B 110 23.93 0.05 15.89
CA ASN B 110 24.16 1.49 15.71
C ASN B 110 23.10 2.11 14.80
N GLU B 111 22.71 1.39 13.74
CA GLU B 111 21.69 1.88 12.84
C GLU B 111 20.34 2.00 13.55
N ARG B 112 20.01 1.04 14.43
CA ARG B 112 18.75 1.11 15.17
C ARG B 112 18.71 2.31 16.10
N LYS B 113 19.82 2.59 16.78
CA LYS B 113 19.92 3.81 17.59
C LYS B 113 19.70 5.06 16.74
N ARG B 114 20.28 5.07 15.54
CA ARG B 114 20.13 6.22 14.65
C ARG B 114 18.69 6.43 14.24
N LEU B 115 17.99 5.34 13.88
CA LEU B 115 16.58 5.43 13.54
C LEU B 115 15.76 5.93 14.72
N PHE B 116 15.96 5.36 15.90
CA PHE B 116 15.17 5.83 17.03
C PHE B 116 15.42 7.31 17.30
N SER B 117 16.66 7.77 17.18
CA SER B 117 16.93 9.17 17.47
C SER B 117 16.14 10.07 16.53
N LEU B 118 16.01 9.66 15.26
CA LEU B 118 15.21 10.42 14.30
C LEU B 118 13.73 10.42 14.68
N ILE B 119 13.17 9.24 14.96
CA ILE B 119 11.79 9.14 15.42
C ILE B 119 11.60 9.97 16.68
N ASN B 120 12.59 9.94 17.57
CA ASN B 120 12.48 10.66 18.81
C ASN B 120 12.64 12.18 18.63
N ASP B 121 12.95 12.65 17.42
CA ASP B 121 12.98 14.08 17.09
C ASP B 121 11.58 14.65 16.84
N LEU B 122 10.56 13.80 16.68
CA LEU B 122 9.22 14.31 16.48
C LEU B 122 8.39 14.09 17.76
N PRO B 123 7.48 14.99 18.11
CA PRO B 123 6.61 14.73 19.26
C PRO B 123 5.72 13.54 18.97
N THR B 124 5.35 12.80 20.02
CA THR B 124 4.45 11.66 19.79
C THR B 124 3.00 12.11 19.60
N LEU B 125 2.20 11.23 19.01
CA LEU B 125 0.77 11.50 18.89
C LEU B 125 0.15 11.74 20.25
N PHE B 126 0.58 10.98 21.24
CA PHE B 126 0.05 11.14 22.60
C PHE B 126 0.37 12.52 23.15
N ASP B 127 1.59 13.00 22.93
CA ASP B 127 1.97 14.31 23.46
C ASP B 127 1.19 15.44 22.79
N VAL B 128 0.97 15.34 21.48
CA VAL B 128 0.22 16.39 20.79
C VAL B 128 -1.24 16.36 21.22
N VAL B 129 -1.84 15.17 21.25
CA VAL B 129 -3.26 15.02 21.57
C VAL B 129 -3.55 15.43 23.01
N THR B 130 -2.68 15.08 23.96
CA THR B 130 -2.86 15.51 25.35
C THR B 130 -2.34 16.90 25.60
N GLY B 131 -1.79 17.56 24.57
CA GLY B 131 -1.24 18.90 24.73
C GLY B 131 -0.02 18.97 25.62
N ARG B 132 0.73 17.88 25.76
CA ARG B 132 1.96 17.90 26.55
C ARG B 132 3.08 18.49 25.71
N ILE C 1 -7.31 5.87 36.53
CA ILE C 1 -6.19 5.91 35.60
C ILE C 1 -6.70 5.98 34.16
N LEU C 2 -5.81 5.86 33.17
CA LEU C 2 -6.21 5.89 31.77
C LEU C 2 -6.48 4.46 31.30
N ALA C 3 -7.74 4.12 31.07
CA ALA C 3 -8.09 2.81 30.56
C ALA C 3 -9.30 2.92 29.67
N TRP C 4 -9.44 1.95 28.75
CA TRP C 4 -10.65 1.88 27.94
C TRP C 4 -11.88 1.75 28.82
N GLY C 5 -12.93 2.49 28.48
CA GLY C 5 -14.14 2.46 29.29
C GLY C 5 -14.89 1.14 29.21
N ARG C 6 -14.82 0.47 28.06
CA ARG C 6 -15.44 -0.83 27.88
C ARG C 6 -15.04 -1.37 26.52
N GLY C 7 -15.66 -2.45 26.08
CA GLY C 7 -15.24 -3.07 24.85
C GLY C 7 -16.30 -3.97 24.30
N GLY C 8 -15.85 -4.89 23.45
CA GLY C 8 -16.75 -5.80 22.78
C GLY C 8 -16.03 -7.06 22.38
N THR C 9 -16.80 -8.09 22.08
CA THR C 9 -16.22 -9.36 21.71
C THR C 9 -15.57 -9.24 20.33
N ARG C 10 -14.36 -9.79 20.20
CA ARG C 10 -13.65 -9.86 18.94
C ARG C 10 -14.53 -10.46 17.85
N SER C 11 -14.60 -9.79 16.70
CA SER C 11 -15.49 -10.24 15.64
C SER C 11 -15.03 -11.59 15.08
N ASN C 12 -15.98 -12.48 14.80
CA ASN C 12 -15.66 -13.77 14.16
C ASN C 12 -16.91 -14.48 13.66
N SER D 2 -12.61 7.73 -34.04
CA SER D 2 -11.81 6.85 -33.18
C SER D 2 -11.90 5.40 -33.62
N PRO D 3 -10.80 4.64 -33.44
CA PRO D 3 -10.85 3.20 -33.73
C PRO D 3 -11.94 2.51 -32.91
N ARG D 4 -12.71 1.66 -33.58
CA ARG D 4 -13.84 0.96 -32.98
C ARG D 4 -13.77 -0.56 -33.13
N THR D 5 -13.37 -1.08 -34.27
CA THR D 5 -13.33 -2.53 -34.44
C THR D 5 -11.98 -3.04 -33.94
N VAL D 6 -11.94 -4.33 -33.60
CA VAL D 6 -10.67 -5.00 -33.33
C VAL D 6 -9.64 -4.65 -34.40
N GLU D 7 -10.02 -4.78 -35.68
CA GLU D 7 -9.12 -4.48 -36.78
C GLU D 7 -8.56 -3.05 -36.71
N GLU D 8 -9.43 -2.05 -36.50
CA GLU D 8 -8.99 -0.68 -36.40
C GLU D 8 -8.17 -0.42 -35.14
N ILE D 9 -8.60 -0.98 -34.02
CA ILE D 9 -7.87 -0.73 -32.78
C ILE D 9 -6.46 -1.33 -32.86
N PHE D 10 -6.34 -2.51 -33.47
CA PHE D 10 -5.01 -3.13 -33.56
C PHE D 10 -4.10 -2.40 -34.56
N LYS D 11 -4.65 -1.80 -35.60
CA LYS D 11 -3.79 -1.00 -36.48
C LYS D 11 -3.28 0.24 -35.77
N ASP D 12 -4.14 0.89 -34.97
CA ASP D 12 -3.74 2.02 -34.13
C ASP D 12 -2.64 1.60 -33.15
N TYR D 13 -2.87 0.49 -32.42
CA TYR D 13 -1.84 -0.06 -31.53
C TYR D 13 -0.52 -0.28 -32.25
N SER D 14 -0.56 -0.94 -33.42
CA SER D 14 0.67 -1.34 -34.10
C SER D 14 1.48 -0.10 -34.50
N ALA D 15 0.79 0.97 -34.89
CA ALA D 15 1.44 2.20 -35.33
C ALA D 15 2.07 2.93 -34.17
N ARG D 16 1.33 3.06 -33.05
CA ARG D 16 1.92 3.65 -31.86
C ARG D 16 3.12 2.84 -31.42
N ARG D 17 2.99 1.51 -31.41
CA ARG D 17 4.09 0.66 -30.98
C ARG D 17 5.30 0.81 -31.88
N ALA D 18 5.09 0.87 -33.19
CA ALA D 18 6.19 1.05 -34.11
C ALA D 18 6.93 2.33 -33.77
N ALA D 19 6.20 3.39 -33.47
CA ALA D 19 6.85 4.65 -33.11
C ALA D 19 7.68 4.53 -31.84
N LEU D 20 7.12 3.88 -30.80
CA LEU D 20 7.85 3.73 -29.56
C LEU D 20 9.03 2.76 -29.71
N LEU D 21 8.87 1.72 -30.54
CA LEU D 21 10.03 0.85 -30.77
C LEU D 21 11.17 1.63 -31.41
N ARG D 22 10.85 2.54 -32.32
CA ARG D 22 11.91 3.32 -32.97
C ARG D 22 12.59 4.25 -31.96
N ALA D 23 11.80 4.87 -31.08
CA ALA D 23 12.35 5.76 -30.04
C ALA D 23 13.34 5.02 -29.15
N LEU D 24 13.05 3.75 -28.82
CA LEU D 24 13.87 3.02 -27.87
C LEU D 24 15.00 2.22 -28.51
N THR D 25 15.08 2.18 -29.84
CA THR D 25 16.14 1.41 -30.51
C THR D 25 16.90 2.27 -31.49
N LYS D 26 16.35 2.42 -32.71
CA LYS D 26 17.01 3.20 -33.76
C LYS D 26 17.35 4.62 -33.30
N ASP D 27 16.40 5.30 -32.66
CA ASP D 27 16.53 6.70 -32.24
C ASP D 27 16.88 6.85 -30.76
N VAL D 28 17.43 5.81 -30.13
CA VAL D 28 17.56 5.80 -28.67
C VAL D 28 18.50 6.91 -28.20
N ASP D 29 19.52 7.27 -29.00
CA ASP D 29 20.40 8.37 -28.57
C ASP D 29 19.65 9.70 -28.53
N ASP D 30 18.79 9.92 -29.52
CA ASP D 30 17.98 11.14 -29.55
C ASP D 30 17.01 11.16 -28.38
N PHE D 31 16.28 10.05 -28.20
CA PHE D 31 15.31 9.94 -27.12
C PHE D 31 15.98 10.15 -25.78
N TYR D 32 17.15 9.53 -25.58
CA TYR D 32 17.84 9.65 -24.30
C TYR D 32 18.25 11.09 -24.06
N SER D 33 18.82 11.73 -25.07
CA SER D 33 19.27 13.11 -24.90
C SER D 33 18.10 14.06 -24.68
N GLN D 34 16.91 13.79 -25.25
CA GLN D 34 15.77 14.69 -25.03
C GLN D 34 15.25 14.64 -23.60
N CYS D 35 15.51 13.56 -22.86
CA CYS D 35 14.91 13.37 -21.54
C CYS D 35 15.82 13.96 -20.44
N ASP D 36 16.04 15.25 -20.57
CA ASP D 36 16.96 15.99 -19.71
C ASP D 36 16.38 16.13 -18.31
N PRO D 37 17.01 15.54 -17.29
CA PRO D 37 16.50 15.67 -15.92
C PRO D 37 16.28 17.11 -15.46
N GLU D 38 16.95 18.09 -16.07
CA GLU D 38 16.78 19.46 -15.64
C GLU D 38 15.45 20.05 -16.11
N LYS D 39 14.97 19.62 -17.28
CA LYS D 39 13.71 20.16 -17.80
C LYS D 39 12.53 19.75 -16.92
N GLU D 40 11.37 20.32 -17.20
CA GLU D 40 10.16 19.98 -16.47
C GLU D 40 9.69 18.57 -16.86
N ASN D 41 8.60 18.08 -16.24
CA ASN D 41 8.26 16.67 -16.41
C ASN D 41 7.85 16.34 -17.83
N LEU D 42 8.45 15.26 -18.37
CA LEU D 42 8.30 14.86 -19.77
C LEU D 42 7.78 13.43 -19.85
N CYS D 43 7.13 13.09 -20.98
CA CYS D 43 6.61 11.75 -21.19
C CYS D 43 6.88 11.36 -22.63
N LEU D 44 6.90 10.05 -22.88
CA LEU D 44 7.13 9.50 -24.21
C LEU D 44 5.78 9.07 -24.80
N TYR D 45 5.42 9.70 -25.93
CA TYR D 45 4.17 9.45 -26.65
C TYR D 45 4.46 8.77 -27.97
N GLY D 46 3.65 7.78 -28.33
CA GLY D 46 3.61 7.29 -29.72
C GLY D 46 2.25 7.54 -30.33
N HIS D 47 2.22 7.91 -31.60
CA HIS D 47 0.99 8.33 -32.25
C HIS D 47 0.68 7.43 -33.44
N PRO D 48 -0.58 7.38 -33.88
CA PRO D 48 -0.94 6.41 -34.90
C PRO D 48 -0.47 6.81 -36.30
N ASN D 49 0.18 7.97 -36.43
CA ASN D 49 0.90 8.27 -37.66
C ASN D 49 2.33 7.77 -37.60
N GLU D 50 2.65 6.97 -36.56
CA GLU D 50 3.95 6.33 -36.35
C GLU D 50 5.04 7.33 -35.99
N SER D 51 4.67 8.47 -35.42
CA SER D 51 5.65 9.40 -34.85
C SER D 51 5.74 9.19 -33.36
N TRP D 52 6.92 9.50 -32.79
CA TRP D 52 7.11 9.51 -31.34
C TRP D 52 7.57 10.89 -30.92
N GLU D 53 7.32 11.23 -29.65
CA GLU D 53 7.78 12.52 -29.19
C GLU D 53 8.00 12.42 -27.69
N VAL D 54 8.89 13.26 -27.18
CA VAL D 54 9.02 13.50 -25.74
C VAL D 54 8.45 14.90 -25.49
N ASN D 55 7.41 14.97 -24.65
CA ASN D 55 6.64 16.20 -24.51
C ASN D 55 6.18 16.37 -23.07
N LEU D 56 5.83 17.62 -22.73
CA LEU D 56 5.02 17.86 -21.55
C LEU D 56 3.70 17.11 -21.65
N PRO D 57 3.13 16.70 -20.51
CA PRO D 57 1.78 16.16 -20.50
C PRO D 57 0.78 17.23 -20.92
N ALA D 58 -0.44 16.80 -21.20
CA ALA D 58 -1.46 17.75 -21.64
C ALA D 58 -1.81 18.71 -20.51
N GLU D 59 -2.01 19.98 -20.88
CA GLU D 59 -2.30 20.99 -19.86
C GLU D 59 -3.71 20.83 -19.29
N GLU D 60 -4.67 20.43 -20.12
CA GLU D 60 -6.05 20.28 -19.70
C GLU D 60 -6.33 18.85 -19.27
N VAL D 61 -6.87 18.69 -18.06
CA VAL D 61 -7.22 17.38 -17.52
C VAL D 61 -8.69 17.36 -17.10
N PRO D 62 -9.37 16.20 -17.10
CA PRO D 62 -8.84 14.88 -17.47
C PRO D 62 -8.63 14.74 -18.97
N PRO D 63 -7.57 14.03 -19.38
CA PRO D 63 -7.30 13.88 -20.82
C PRO D 63 -8.26 12.90 -21.48
N GLU D 64 -8.35 13.03 -22.80
CA GLU D 64 -9.24 12.15 -23.57
C GLU D 64 -8.76 10.71 -23.49
N LEU D 65 -7.48 10.46 -23.74
CA LEU D 65 -6.91 9.12 -23.71
C LEU D 65 -6.11 8.90 -22.44
N PRO D 66 -5.86 7.62 -22.09
CA PRO D 66 -4.87 7.36 -21.04
C PRO D 66 -3.56 8.04 -21.36
N GLU D 67 -2.85 8.49 -20.33
CA GLU D 67 -1.58 9.21 -20.44
C GLU D 67 -0.40 8.30 -20.12
N PRO D 68 0.73 8.49 -20.81
CA PRO D 68 1.95 7.73 -20.52
C PRO D 68 2.52 8.17 -19.18
N ALA D 69 3.56 7.44 -18.75
CA ALA D 69 4.22 7.70 -17.47
C ALA D 69 4.81 9.11 -17.45
N LEU D 70 4.50 9.85 -16.39
CA LEU D 70 4.92 11.24 -16.30
C LEU D 70 6.33 11.36 -15.72
N GLY D 71 7.14 12.22 -16.32
CA GLY D 71 8.36 12.60 -15.64
C GLY D 71 9.48 11.59 -15.77
N ILE D 72 9.53 10.83 -16.86
CA ILE D 72 10.60 9.82 -17.01
C ILE D 72 11.99 10.46 -17.05
N ASN D 73 12.08 11.73 -17.44
CA ASN D 73 13.38 12.39 -17.44
C ASN D 73 13.95 12.57 -16.05
N PHE D 74 13.10 12.64 -15.02
CA PHE D 74 13.62 12.84 -13.66
C PHE D 74 14.46 11.67 -13.17
N ALA D 75 14.27 10.48 -13.73
CA ALA D 75 14.95 9.27 -13.30
C ALA D 75 16.19 8.95 -14.11
N ARG D 76 16.42 9.64 -15.24
CA ARG D 76 17.42 9.20 -16.21
C ARG D 76 18.80 9.06 -15.59
N ASP D 77 19.25 10.07 -14.83
CA ASP D 77 20.65 10.10 -14.42
C ASP D 77 20.95 9.31 -13.14
N GLY D 78 19.95 8.85 -12.41
CA GLY D 78 20.18 8.01 -11.25
C GLY D 78 20.16 6.52 -11.51
N MET D 79 20.16 6.12 -12.78
CA MET D 79 20.10 4.71 -13.16
C MET D 79 21.15 4.42 -14.21
N GLN D 80 21.52 3.15 -14.30
CA GLN D 80 22.24 2.70 -15.47
C GLN D 80 21.31 2.88 -16.68
N ARG D 81 21.91 3.24 -17.82
CA ARG D 81 21.11 3.59 -18.98
C ARG D 81 20.19 2.43 -19.41
N LYS D 82 20.71 1.20 -19.42
CA LYS D 82 19.87 0.09 -19.85
C LYS D 82 18.74 -0.18 -18.86
N ASP D 83 18.90 0.18 -17.60
CA ASP D 83 17.82 -0.01 -16.64
C ASP D 83 16.76 1.08 -16.78
N TRP D 84 17.20 2.31 -17.06
CA TRP D 84 16.24 3.38 -17.34
C TRP D 84 15.42 3.07 -18.59
N LEU D 85 16.09 2.55 -19.63
CA LEU D 85 15.38 2.22 -20.86
C LEU D 85 14.41 1.05 -20.64
N SER D 86 14.79 0.06 -19.83
CA SER D 86 13.86 -1.02 -19.48
C SER D 86 12.62 -0.48 -18.80
N LEU D 87 12.81 0.44 -17.85
CA LEU D 87 11.68 1.02 -17.14
C LEU D 87 10.78 1.83 -18.07
N VAL D 88 11.39 2.62 -18.97
CA VAL D 88 10.55 3.33 -19.94
C VAL D 88 9.76 2.34 -20.78
N ALA D 89 10.41 1.24 -21.18
CA ALA D 89 9.76 0.27 -22.05
C ALA D 89 8.57 -0.41 -21.37
N VAL D 90 8.71 -0.79 -20.09
CA VAL D 90 7.58 -1.41 -19.40
C VAL D 90 6.40 -0.43 -19.34
N HIS D 91 6.67 0.78 -18.91
CA HIS D 91 5.59 1.74 -18.78
C HIS D 91 4.97 2.06 -20.14
N SER D 92 5.77 1.94 -21.22
CA SER D 92 5.26 2.21 -22.55
C SER D 92 4.40 1.05 -23.05
N ASP D 93 4.82 -0.19 -22.78
CA ASP D 93 3.95 -1.35 -23.02
C ASP D 93 2.59 -1.19 -22.33
N CYS D 94 2.62 -0.81 -21.05
CA CYS D 94 1.38 -0.64 -20.30
C CYS D 94 0.51 0.43 -20.92
N TRP D 95 1.12 1.55 -21.35
CA TRP D 95 0.35 2.65 -21.92
C TRP D 95 -0.30 2.21 -23.23
N LEU D 96 0.43 1.47 -24.07
CA LEU D 96 -0.12 1.05 -25.36
C LEU D 96 -1.32 0.13 -25.15
N LEU D 97 -1.22 -0.77 -24.16
CA LEU D 97 -2.34 -1.65 -23.82
C LEU D 97 -3.54 -0.84 -23.36
N SER D 98 -3.28 0.14 -22.48
CA SER D 98 -4.33 0.98 -21.92
C SER D 98 -5.06 1.77 -23.01
N VAL D 99 -4.34 2.36 -23.97
CA VAL D 99 -5.00 3.11 -25.05
C VAL D 99 -5.91 2.19 -25.84
N SER D 100 -5.41 1.00 -26.19
CA SER D 100 -6.19 0.09 -27.03
C SER D 100 -7.46 -0.35 -26.32
N PHE D 101 -7.39 -0.62 -25.03
CA PHE D 101 -8.61 -1.09 -24.40
C PHE D 101 -9.50 0.06 -23.95
N TYR D 102 -8.98 1.29 -24.00
CA TYR D 102 -9.85 2.46 -23.97
C TYR D 102 -10.71 2.51 -25.23
N PHE D 103 -10.08 2.46 -26.39
CA PHE D 103 -10.83 2.40 -27.64
C PHE D 103 -11.74 1.17 -27.67
N GLY D 104 -11.31 0.08 -27.05
CA GLY D 104 -12.08 -1.16 -27.05
C GLY D 104 -13.09 -1.34 -25.93
N ALA D 105 -13.51 -0.25 -25.27
CA ALA D 105 -14.39 -0.38 -24.11
C ALA D 105 -15.70 -1.10 -24.45
N ARG D 106 -16.19 -0.94 -25.68
CA ARG D 106 -17.47 -1.52 -26.07
C ARG D 106 -17.34 -2.83 -26.82
N LEU D 107 -16.12 -3.37 -26.93
CA LEU D 107 -15.92 -4.70 -27.49
C LEU D 107 -16.51 -5.76 -26.57
N ASN D 108 -17.04 -6.82 -27.15
CA ASN D 108 -17.52 -7.88 -26.28
C ASN D 108 -16.34 -8.73 -25.83
N ARG D 109 -16.66 -9.71 -24.98
CA ARG D 109 -15.61 -10.47 -24.31
C ARG D 109 -14.74 -11.22 -25.31
N ASN D 110 -15.36 -11.86 -26.31
CA ASN D 110 -14.56 -12.58 -27.30
C ASN D 110 -13.72 -11.62 -28.13
N GLU D 111 -14.26 -10.44 -28.43
CA GLU D 111 -13.50 -9.46 -29.20
C GLU D 111 -12.33 -8.95 -28.39
N ARG D 112 -12.51 -8.81 -27.07
CA ARG D 112 -11.41 -8.37 -26.23
C ARG D 112 -10.30 -9.40 -26.24
N LYS D 113 -10.67 -10.69 -26.25
CA LYS D 113 -9.65 -11.72 -26.26
C LYS D 113 -8.91 -11.74 -27.60
N ARG D 114 -9.64 -11.52 -28.69
CA ARG D 114 -9.03 -11.49 -30.01
C ARG D 114 -8.03 -10.34 -30.10
N LEU D 115 -8.43 -9.17 -29.62
CA LEU D 115 -7.55 -8.01 -29.64
C LEU D 115 -6.29 -8.25 -28.84
N PHE D 116 -6.42 -8.80 -27.63
CA PHE D 116 -5.22 -9.09 -26.84
C PHE D 116 -4.35 -10.14 -27.53
N SER D 117 -4.96 -11.14 -28.16
CA SER D 117 -4.15 -12.16 -28.80
C SER D 117 -3.31 -11.57 -29.95
N LEU D 118 -3.87 -10.59 -30.68
CA LEU D 118 -3.10 -9.95 -31.75
C LEU D 118 -1.97 -9.10 -31.17
N ILE D 119 -2.25 -8.39 -30.09
CA ILE D 119 -1.23 -7.61 -29.39
C ILE D 119 -0.16 -8.53 -28.82
N ASN D 120 -0.59 -9.63 -28.21
CA ASN D 120 0.33 -10.53 -27.52
C ASN D 120 1.24 -11.29 -28.48
N ASP D 121 0.93 -11.31 -29.78
CA ASP D 121 1.81 -11.94 -30.75
C ASP D 121 3.02 -11.07 -31.12
N LEU D 122 3.05 -9.82 -30.67
CA LEU D 122 4.17 -8.93 -30.94
C LEU D 122 5.12 -8.91 -29.73
N PRO D 123 6.43 -8.97 -29.91
CA PRO D 123 7.33 -8.84 -28.77
C PRO D 123 7.05 -7.55 -28.02
N THR D 124 7.11 -7.59 -26.69
CA THR D 124 6.89 -6.35 -25.95
C THR D 124 8.11 -5.45 -26.05
N LEU D 125 7.90 -4.14 -25.87
CA LEU D 125 9.05 -3.22 -25.83
C LEU D 125 10.04 -3.62 -24.74
N PHE D 126 9.54 -4.04 -23.59
CA PHE D 126 10.41 -4.52 -22.52
C PHE D 126 11.27 -5.69 -22.98
N ASP D 127 10.67 -6.68 -23.65
CA ASP D 127 11.48 -7.82 -24.10
C ASP D 127 12.51 -7.40 -25.14
N VAL D 128 12.12 -6.54 -26.08
CA VAL D 128 13.05 -6.08 -27.11
C VAL D 128 14.21 -5.30 -26.48
N VAL D 129 13.91 -4.42 -25.54
CA VAL D 129 14.96 -3.56 -24.99
C VAL D 129 15.91 -4.37 -24.11
N THR D 130 15.37 -5.29 -23.30
CA THR D 130 16.20 -6.12 -22.41
C THR D 130 16.80 -7.33 -23.12
N GLY D 131 16.45 -7.57 -24.39
CA GLY D 131 17.00 -8.68 -25.11
C GLY D 131 16.43 -10.03 -24.73
N ARG D 132 15.16 -10.07 -24.31
CA ARG D 132 14.57 -11.30 -23.83
C ARG D 132 13.72 -11.95 -24.91
N SER E 2 5.99 -7.65 -4.76
CA SER E 2 4.86 -7.36 -5.64
C SER E 2 4.34 -8.64 -6.29
N PRO E 3 3.10 -8.61 -6.80
CA PRO E 3 2.53 -9.83 -7.39
C PRO E 3 3.35 -10.22 -8.60
N ARG E 4 3.84 -11.47 -8.65
CA ARG E 4 4.56 -11.83 -9.85
C ARG E 4 3.97 -13.00 -10.62
N THR E 5 3.29 -13.92 -9.95
CA THR E 5 2.72 -14.99 -10.78
C THR E 5 1.37 -14.57 -11.35
N VAL E 6 0.92 -15.33 -12.37
CA VAL E 6 -0.41 -15.13 -12.93
C VAL E 6 -1.47 -15.06 -11.82
N GLU E 7 -1.40 -15.99 -10.86
CA GLU E 7 -2.42 -16.03 -9.80
C GLU E 7 -2.32 -14.84 -8.86
N GLU E 8 -1.09 -14.46 -8.47
CA GLU E 8 -0.92 -13.31 -7.59
C GLU E 8 -1.43 -12.03 -8.25
N ILE E 9 -1.18 -11.88 -9.56
CA ILE E 9 -1.58 -10.66 -10.25
C ILE E 9 -3.09 -10.61 -10.40
N PHE E 10 -3.70 -11.75 -10.70
CA PHE E 10 -5.16 -11.76 -10.77
C PHE E 10 -5.77 -11.46 -9.41
N LYS E 11 -5.20 -12.00 -8.34
CA LYS E 11 -5.72 -11.71 -7.00
C LYS E 11 -5.68 -10.22 -6.73
N ASP E 12 -4.57 -9.58 -7.08
CA ASP E 12 -4.42 -8.14 -6.95
C ASP E 12 -5.43 -7.40 -7.83
N TYR E 13 -5.56 -7.83 -9.09
CA TYR E 13 -6.52 -7.24 -10.02
C TYR E 13 -7.95 -7.32 -9.49
N SER E 14 -8.39 -8.52 -9.08
CA SER E 14 -9.78 -8.66 -8.63
CA SER E 14 -9.78 -8.65 -8.65
C SER E 14 -10.06 -7.77 -7.44
N ALA E 15 -9.10 -7.64 -6.52
CA ALA E 15 -9.34 -6.82 -5.33
C ALA E 15 -9.41 -5.34 -5.66
N ARG E 16 -8.48 -4.85 -6.49
CA ARG E 16 -8.58 -3.46 -6.94
C ARG E 16 -9.87 -3.21 -7.69
N ARG E 17 -10.28 -4.16 -8.54
CA ARG E 17 -11.54 -4.03 -9.27
C ARG E 17 -12.73 -3.95 -8.33
N ALA E 18 -12.75 -4.83 -7.31
CA ALA E 18 -13.81 -4.81 -6.31
C ALA E 18 -13.95 -3.43 -5.66
N ALA E 19 -12.82 -2.86 -5.24
CA ALA E 19 -12.81 -1.51 -4.69
C ALA E 19 -13.41 -0.49 -5.65
N LEU E 20 -12.95 -0.50 -6.92
CA LEU E 20 -13.42 0.48 -7.88
C LEU E 20 -14.89 0.28 -8.20
N LEU E 21 -15.33 -0.98 -8.30
CA LEU E 21 -16.75 -1.26 -8.54
C LEU E 21 -17.61 -0.68 -7.42
N ARG E 22 -17.19 -0.87 -6.18
CA ARG E 22 -17.92 -0.32 -5.03
C ARG E 22 -18.01 1.19 -5.13
N ALA E 23 -16.88 1.85 -5.45
CA ALA E 23 -16.87 3.31 -5.60
C ALA E 23 -17.88 3.77 -6.63
N LEU E 24 -18.03 3.02 -7.73
CA LEU E 24 -18.88 3.43 -8.84
C LEU E 24 -20.33 3.00 -8.68
N THR E 25 -20.64 2.15 -7.69
CA THR E 25 -22.01 1.69 -7.52
C THR E 25 -22.51 1.95 -6.10
N LYS E 26 -22.08 1.13 -5.14
CA LYS E 26 -22.67 1.21 -3.81
C LYS E 26 -22.26 2.50 -3.08
N ASP E 27 -21.01 2.94 -3.22
CA ASP E 27 -20.50 4.13 -2.55
C ASP E 27 -20.54 5.38 -3.43
N VAL E 28 -21.42 5.41 -4.43
CA VAL E 28 -21.29 6.40 -5.50
C VAL E 28 -21.56 7.82 -5.00
N ASP E 29 -22.44 7.99 -4.00
CA ASP E 29 -22.68 9.33 -3.47
C ASP E 29 -21.46 9.83 -2.69
N ASP E 30 -20.84 8.94 -1.93
CA ASP E 30 -19.58 9.27 -1.27
C ASP E 30 -18.51 9.62 -2.29
N PHE E 31 -18.35 8.78 -3.30
CA PHE E 31 -17.31 8.99 -4.30
C PHE E 31 -17.56 10.28 -5.08
N TYR E 32 -18.80 10.47 -5.57
CA TYR E 32 -19.17 11.70 -6.26
C TYR E 32 -18.82 12.95 -5.44
N SER E 33 -19.18 12.92 -4.15
CA SER E 33 -18.95 14.08 -3.30
C SER E 33 -17.46 14.36 -3.10
N GLN E 34 -16.63 13.31 -3.08
CA GLN E 34 -15.20 13.49 -2.87
C GLN E 34 -14.50 14.09 -4.10
N CYS E 35 -15.06 13.93 -5.29
CA CYS E 35 -14.47 14.48 -6.51
C CYS E 35 -14.89 15.94 -6.67
N ASP E 36 -14.54 16.72 -5.65
CA ASP E 36 -14.90 18.14 -5.56
C ASP E 36 -14.17 18.95 -6.62
N PRO E 37 -14.88 19.56 -7.57
CA PRO E 37 -14.20 20.33 -8.63
C PRO E 37 -13.32 21.47 -8.15
N GLU E 38 -13.43 21.90 -6.90
CA GLU E 38 -12.62 23.03 -6.49
C GLU E 38 -11.37 22.62 -5.71
N LYS E 39 -11.15 21.32 -5.51
CA LYS E 39 -9.85 20.84 -5.05
C LYS E 39 -8.88 20.78 -6.23
N GLU E 40 -7.64 20.39 -5.95
CA GLU E 40 -6.68 20.17 -7.03
C GLU E 40 -7.06 18.88 -7.78
N ASN E 41 -6.33 18.56 -8.85
CA ASN E 41 -6.73 17.40 -9.66
C ASN E 41 -6.68 16.13 -8.81
N LEU E 42 -7.73 15.31 -8.92
CA LEU E 42 -7.93 14.12 -8.11
C LEU E 42 -8.01 12.87 -8.99
N CYS E 43 -7.65 11.72 -8.41
CA CYS E 43 -7.71 10.42 -9.09
C CYS E 43 -8.47 9.44 -8.23
N LEU E 44 -9.07 8.44 -8.87
CA LEU E 44 -9.70 7.33 -8.15
C LEU E 44 -8.75 6.14 -8.19
N TYR E 45 -8.36 5.66 -6.99
CA TYR E 45 -7.52 4.48 -6.83
C TYR E 45 -8.31 3.31 -6.28
N GLY E 46 -7.89 2.12 -6.68
CA GLY E 46 -8.37 0.89 -6.07
C GLY E 46 -7.21 0.12 -5.49
N HIS E 47 -7.29 -0.26 -4.22
CA HIS E 47 -6.18 -0.91 -3.55
C HIS E 47 -6.41 -2.41 -3.37
N PRO E 48 -5.33 -3.19 -3.25
CA PRO E 48 -5.47 -4.65 -3.15
C PRO E 48 -6.11 -5.12 -1.84
N ASN E 49 -6.40 -4.23 -0.91
CA ASN E 49 -7.22 -4.57 0.26
C ASN E 49 -8.71 -4.28 0.03
N GLU E 50 -9.11 -4.01 -1.22
CA GLU E 50 -10.50 -3.77 -1.65
C GLU E 50 -11.05 -2.42 -1.21
N SER E 51 -10.22 -1.51 -0.75
CA SER E 51 -10.70 -0.16 -0.47
C SER E 51 -10.39 0.75 -1.64
N TRP E 52 -11.26 1.72 -1.87
CA TRP E 52 -11.02 2.75 -2.87
C TRP E 52 -10.61 4.04 -2.18
N GLU E 53 -9.97 4.90 -2.95
CA GLU E 53 -9.45 6.16 -2.42
C GLU E 53 -9.46 7.20 -3.53
N VAL E 54 -9.96 8.38 -3.21
CA VAL E 54 -9.82 9.56 -4.05
C VAL E 54 -8.70 10.40 -3.47
N ASN E 55 -7.72 10.77 -4.28
CA ASN E 55 -6.58 11.52 -3.76
C ASN E 55 -5.89 12.23 -4.90
N LEU E 56 -4.97 13.14 -4.55
CA LEU E 56 -4.05 13.70 -5.50
C LEU E 56 -3.16 12.62 -6.09
N PRO E 57 -2.52 12.89 -7.23
CA PRO E 57 -1.57 11.92 -7.79
C PRO E 57 -0.43 11.62 -6.82
N ALA E 58 0.25 10.51 -7.09
CA ALA E 58 1.36 10.06 -6.26
C ALA E 58 2.46 11.11 -6.20
N GLU E 59 3.19 11.15 -5.07
CA GLU E 59 4.22 12.17 -4.90
C GLU E 59 5.47 11.86 -5.72
N GLU E 60 5.83 10.58 -5.83
CA GLU E 60 7.02 10.20 -6.57
C GLU E 60 6.77 10.28 -8.07
N VAL E 61 7.68 10.92 -8.79
CA VAL E 61 7.60 11.04 -10.25
C VAL E 61 8.95 10.67 -10.84
N PRO E 62 9.04 9.74 -11.79
CA PRO E 62 7.91 8.95 -12.28
C PRO E 62 7.38 7.98 -11.20
N PRO E 63 6.09 7.65 -11.24
CA PRO E 63 5.51 6.79 -10.21
C PRO E 63 6.00 5.34 -10.32
N GLU E 64 5.96 4.62 -9.19
CA GLU E 64 6.26 3.20 -9.27
C GLU E 64 5.25 2.47 -10.13
N LEU E 65 3.98 2.69 -9.88
CA LEU E 65 2.94 2.01 -10.64
C LEU E 65 2.32 2.97 -11.64
N PRO E 66 1.72 2.44 -12.71
CA PRO E 66 0.85 3.28 -13.53
C PRO E 66 -0.16 4.03 -12.67
N GLU E 67 -0.48 5.25 -13.08
CA GLU E 67 -1.36 6.18 -12.40
C GLU E 67 -2.72 6.25 -13.08
N PRO E 68 -3.78 6.40 -12.30
CA PRO E 68 -5.12 6.51 -12.89
C PRO E 68 -5.30 7.90 -13.49
N ALA E 69 -6.40 8.05 -14.23
CA ALA E 69 -6.71 9.32 -14.87
C ALA E 69 -6.70 10.46 -13.86
N LEU E 70 -6.01 11.54 -14.22
CA LEU E 70 -5.80 12.69 -13.36
C LEU E 70 -6.91 13.72 -13.56
N GLY E 71 -7.45 14.26 -12.46
CA GLY E 71 -8.37 15.38 -12.59
C GLY E 71 -9.81 15.07 -12.95
N ILE E 72 -10.29 13.85 -12.65
CA ILE E 72 -11.67 13.50 -12.96
C ILE E 72 -12.67 14.42 -12.26
N ASN E 73 -12.28 15.06 -11.15
CA ASN E 73 -13.16 16.00 -10.47
C ASN E 73 -13.38 17.26 -11.31
N PHE E 74 -12.43 17.60 -12.20
CA PHE E 74 -12.57 18.78 -13.03
C PHE E 74 -13.68 18.62 -14.08
N ALA E 75 -14.08 17.39 -14.41
CA ALA E 75 -15.09 17.18 -15.44
C ALA E 75 -16.47 16.87 -14.87
N ARG E 76 -16.60 16.81 -13.54
CA ARG E 76 -17.77 16.20 -12.91
C ARG E 76 -19.06 16.95 -13.22
N ASP E 77 -19.03 18.28 -13.23
CA ASP E 77 -20.26 19.05 -13.38
C ASP E 77 -20.63 19.38 -14.82
N GLY E 78 -19.72 19.26 -15.77
CA GLY E 78 -20.04 19.59 -17.14
C GLY E 78 -20.70 18.51 -17.94
N MET E 79 -21.17 17.45 -17.29
CA MET E 79 -21.77 16.34 -18.00
C MET E 79 -22.75 15.65 -17.07
N GLN E 80 -23.69 14.91 -17.67
CA GLN E 80 -24.63 14.14 -16.88
C GLN E 80 -23.87 13.10 -16.06
N ARG E 81 -24.44 12.73 -14.91
CA ARG E 81 -23.72 11.93 -13.93
C ARG E 81 -23.54 10.49 -14.40
N LYS E 82 -24.51 9.96 -15.16
CA LYS E 82 -24.33 8.62 -15.73
C LYS E 82 -23.15 8.59 -16.71
N ASP E 83 -22.98 9.65 -17.49
CA ASP E 83 -21.90 9.67 -18.47
C ASP E 83 -20.54 9.89 -17.80
N TRP E 84 -20.51 10.68 -16.73
CA TRP E 84 -19.26 10.87 -16.00
C TRP E 84 -18.79 9.56 -15.36
N LEU E 85 -19.73 8.84 -14.73
CA LEU E 85 -19.37 7.56 -14.13
C LEU E 85 -18.93 6.56 -15.19
N SER E 86 -19.52 6.63 -16.39
CA SER E 86 -19.12 5.75 -17.49
C SER E 86 -17.68 6.02 -17.90
N LEU E 87 -17.30 7.29 -18.02
CA LEU E 87 -15.93 7.61 -18.41
C LEU E 87 -14.95 7.31 -17.27
N VAL E 88 -15.34 7.56 -16.03
CA VAL E 88 -14.49 7.11 -14.92
C VAL E 88 -14.31 5.61 -14.99
N ALA E 89 -15.38 4.87 -15.32
CA ALA E 89 -15.27 3.41 -15.37
C ALA E 89 -14.27 2.96 -16.43
N VAL E 90 -14.36 3.50 -17.65
CA VAL E 90 -13.47 3.01 -18.70
C VAL E 90 -12.03 3.34 -18.36
N HIS E 91 -11.77 4.56 -17.87
CA HIS E 91 -10.40 4.88 -17.50
C HIS E 91 -9.93 4.02 -16.31
N SER E 92 -10.85 3.66 -15.41
CA SER E 92 -10.48 2.77 -14.30
C SER E 92 -10.17 1.37 -14.80
N ASP E 93 -10.97 0.85 -15.76
CA ASP E 93 -10.67 -0.41 -16.44
C ASP E 93 -9.28 -0.39 -17.08
N CYS E 94 -8.96 0.68 -17.81
CA CYS E 94 -7.65 0.82 -18.42
C CYS E 94 -6.55 0.84 -17.37
N TRP E 95 -6.76 1.57 -16.29
CA TRP E 95 -5.77 1.59 -15.20
C TRP E 95 -5.54 0.18 -14.64
N LEU E 96 -6.63 -0.56 -14.37
CA LEU E 96 -6.50 -1.92 -13.85
C LEU E 96 -5.63 -2.77 -14.76
N LEU E 97 -5.95 -2.78 -16.06
CA LEU E 97 -5.14 -3.52 -17.02
C LEU E 97 -3.68 -3.07 -16.99
N SER E 98 -3.43 -1.75 -16.95
CA SER E 98 -2.06 -1.25 -16.94
CA SER E 98 -2.06 -1.24 -16.92
C SER E 98 -1.29 -1.76 -15.71
N VAL E 99 -1.91 -1.66 -14.54
CA VAL E 99 -1.25 -2.17 -13.32
C VAL E 99 -0.92 -3.65 -13.44
N SER E 100 -1.88 -4.47 -13.94
CA SER E 100 -1.62 -5.90 -13.97
C SER E 100 -0.49 -6.25 -14.93
N PHE E 101 -0.44 -5.59 -16.10
CA PHE E 101 0.63 -5.93 -17.03
C PHE E 101 1.90 -5.14 -16.76
N TYR E 102 1.87 -4.18 -15.83
CA TYR E 102 3.10 -3.71 -15.21
C TYR E 102 3.70 -4.80 -14.32
N PHE E 103 2.91 -5.32 -13.37
CA PHE E 103 3.38 -6.43 -12.54
C PHE E 103 3.77 -7.61 -13.40
N GLY E 104 3.09 -7.83 -14.52
CA GLY E 104 3.32 -8.95 -15.43
C GLY E 104 4.39 -8.78 -16.48
N ALA E 105 5.20 -7.72 -16.38
CA ALA E 105 6.20 -7.41 -17.40
C ALA E 105 7.11 -8.60 -17.68
N ARG E 106 7.50 -9.35 -16.65
CA ARG E 106 8.44 -10.45 -16.82
C ARG E 106 7.77 -11.78 -17.14
N LEU E 107 6.44 -11.80 -17.26
CA LEU E 107 5.79 -13.02 -17.75
C LEU E 107 6.12 -13.22 -19.23
N ASN E 108 6.14 -14.47 -19.67
CA ASN E 108 6.34 -14.71 -21.08
C ASN E 108 5.00 -14.67 -21.82
N ARG E 109 5.05 -14.84 -23.14
CA ARG E 109 3.87 -14.65 -23.97
C ARG E 109 2.71 -15.55 -23.54
N ASN E 110 2.98 -16.82 -23.24
CA ASN E 110 1.90 -17.72 -22.83
C ASN E 110 1.33 -17.33 -21.46
N GLU E 111 2.18 -16.92 -20.52
CA GLU E 111 1.68 -16.48 -19.23
C GLU E 111 0.84 -15.21 -19.36
N ARG E 112 1.25 -14.29 -20.24
CA ARG E 112 0.46 -13.07 -20.45
C ARG E 112 -0.91 -13.38 -21.04
N LYS E 113 -0.98 -14.35 -21.96
CA LYS E 113 -2.27 -14.79 -22.47
C LYS E 113 -3.11 -15.39 -21.36
N ARG E 114 -2.51 -16.21 -20.52
CA ARG E 114 -3.25 -16.81 -19.41
C ARG E 114 -3.77 -15.74 -18.46
N LEU E 115 -2.92 -14.78 -18.09
CA LEU E 115 -3.36 -13.68 -17.23
C LEU E 115 -4.51 -12.91 -17.85
N PHE E 116 -4.42 -12.60 -19.15
CA PHE E 116 -5.53 -11.88 -19.73
C PHE E 116 -6.79 -12.72 -19.75
N SER E 117 -6.64 -14.03 -19.92
CA SER E 117 -7.80 -14.92 -19.93
C SER E 117 -8.57 -14.84 -18.61
N LEU E 118 -7.85 -14.73 -17.49
CA LEU E 118 -8.49 -14.59 -16.18
C LEU E 118 -9.19 -13.25 -16.05
N ILE E 119 -8.47 -12.17 -16.36
CA ILE E 119 -9.06 -10.83 -16.30
C ILE E 119 -10.31 -10.76 -17.13
N ASN E 120 -10.29 -11.39 -18.31
CA ASN E 120 -11.42 -11.37 -19.22
C ASN E 120 -12.54 -12.32 -18.79
N ASP E 121 -12.37 -13.05 -17.68
CA ASP E 121 -13.46 -13.82 -17.08
C ASP E 121 -14.40 -12.97 -16.24
N LEU E 122 -13.98 -11.73 -15.87
CA LEU E 122 -14.81 -10.79 -15.12
C LEU E 122 -15.39 -9.74 -16.06
N PRO E 123 -16.62 -9.28 -15.82
CA PRO E 123 -17.14 -8.14 -16.59
C PRO E 123 -16.37 -6.88 -16.23
N THR E 124 -16.22 -5.99 -17.20
CA THR E 124 -15.51 -4.74 -16.94
C THR E 124 -16.35 -3.79 -16.09
N LEU E 125 -15.67 -2.85 -15.43
CA LEU E 125 -16.37 -1.77 -14.73
C LEU E 125 -17.28 -1.01 -15.68
N PHE E 126 -16.86 -0.84 -16.93
CA PHE E 126 -17.71 -0.18 -17.93
C PHE E 126 -18.95 -1.02 -18.23
N ASP E 127 -18.78 -2.33 -18.40
CA ASP E 127 -19.94 -3.21 -18.61
C ASP E 127 -20.96 -3.05 -17.49
N VAL E 128 -20.52 -3.22 -16.25
CA VAL E 128 -21.44 -3.19 -15.11
C VAL E 128 -22.10 -1.83 -14.99
N VAL E 129 -21.30 -0.75 -15.09
CA VAL E 129 -21.81 0.59 -14.83
C VAL E 129 -22.80 1.03 -15.91
N THR E 130 -22.60 0.60 -17.17
CA THR E 130 -23.56 0.96 -18.20
C THR E 130 -24.66 -0.08 -18.36
N GLY E 131 -24.70 -1.09 -17.50
CA GLY E 131 -25.69 -2.15 -17.72
C GLY E 131 -25.45 -2.90 -19.01
N ARG E 132 -24.18 -3.17 -19.33
CA ARG E 132 -23.75 -4.09 -20.39
C ARG E 132 -24.00 -3.49 -21.76
N LEU F 2 -19.75 10.07 -26.13
CA LEU F 2 -19.23 10.01 -24.75
C LEU F 2 -17.84 10.63 -24.63
N ALA F 3 -17.78 11.88 -24.18
CA ALA F 3 -16.51 12.53 -23.92
C ALA F 3 -16.63 13.36 -22.64
N TRP F 4 -15.47 13.73 -22.10
CA TRP F 4 -15.44 14.53 -20.87
C TRP F 4 -16.13 15.88 -21.07
N GLY F 5 -16.80 16.34 -20.02
CA GLY F 5 -17.47 17.63 -20.02
C GLY F 5 -16.60 18.87 -20.07
N ARG F 6 -15.88 19.17 -18.97
CA ARG F 6 -15.35 20.54 -18.78
C ARG F 6 -14.05 20.55 -17.98
N GLY F 7 -12.97 20.03 -18.55
CA GLY F 7 -11.71 19.93 -17.84
C GLY F 7 -11.13 21.19 -17.22
N GLY F 8 -10.01 21.03 -16.50
CA GLY F 8 -9.34 22.16 -15.90
C GLY F 8 -7.84 22.09 -16.13
N THR F 9 -7.15 23.13 -15.72
CA THR F 9 -5.70 23.16 -15.88
C THR F 9 -5.04 22.25 -14.86
N ARG F 10 -4.09 21.43 -15.34
CA ARG F 10 -3.26 20.60 -14.47
C ARG F 10 -2.66 21.43 -13.32
N SER F 11 -2.78 20.91 -12.10
CA SER F 11 -2.26 21.62 -10.94
C SER F 11 -0.73 21.73 -10.99
N ASN F 12 -0.21 22.89 -10.58
CA ASN F 12 1.24 23.11 -10.58
C ASN F 12 1.70 24.13 -9.54
#